data_6JAX
#
_entry.id   6JAX
#
_cell.length_a   98.600
_cell.length_b   98.600
_cell.length_c   94.993
_cell.angle_alpha   90.00
_cell.angle_beta   90.00
_cell.angle_gamma   90.00
#
_symmetry.space_group_name_H-M   'P 41 21 2'
#
loop_
_entity.id
_entity.type
_entity.pdbx_description
1 polymer 'Group II chitinase'
2 branched 2-acetamido-2-deoxy-beta-D-glucopyranose-(1-4)-2-acetamido-2-deoxy-beta-D-glucopyranose
3 branched 2-amino-2-deoxy-beta-D-glucopyranose-(1-4)-2-amino-2-deoxy-beta-D-glucopyranose-(1-4)-2-amino-2-deoxy-beta-D-glucopyranose-(1-4)-2-amino-2-deoxy-beta-D-glucopyranose-(1-4)-2-amino-2-deoxy-beta-D-glucopyranose-(1-4)-2-amino-2-deoxy-beta-D-glucopyranose-(1-4)-2-amino-2-deoxy-beta-D-glucopyranose-(1-4)-2-amino-2-deoxy-beta-D-glucopyranose
4 water water
#
_entity_poly.entity_id   1
_entity_poly.type   'polypeptide(L)'
_entity_poly.pdbx_seq_one_letter_code
;SLLNSRYKLVCYYTNWSWYRPGIGKYSPEDIDPSLCTHIVYGFAVLGNDGLMTAHDTWSDYDNRFYERVVEYKRYGIKVS
LALGGWNDSAGDKYSKLVNDPAARAKFVQHAVAFLEKYGFDGLDLDWEYPKCWQVDCSKGPDSDKQGFADLVHELSAVLK
PKGLLLSAAVSPNKMVIDAGYDVPVLARLLDWIAVMTYDYHGQWDKKTGHVAPLYYHPDDDTTYFNANYTIHYWMEKGTP
ASKIVMGMPMYGQSFTIENRGIHGLNIPVSDGGEPGEYTRAKGFLAYYEICDRIRNSGWTVVKDPYQRMGPYAYKGNQWV
SFDDVEIIKKKVNFIKSLNLGGGMIWALDLDDYRNRCGQGKHPLLNAIKTELLNPKIEMEKEMQQKPHK
;
_entity_poly.pdbx_strand_id   A
#
loop_
_chem_comp.id
_chem_comp.type
_chem_comp.name
_chem_comp.formula
GCS D-saccharide, beta linking 2-amino-2-deoxy-beta-D-glucopyranose 'C6 H13 N O5'
NAG D-saccharide, beta linking 2-acetamido-2-deoxy-beta-D-glucopyranose 'C8 H15 N O6'
#
# COMPACT_ATOMS: atom_id res chain seq x y z
N SER A 1 -22.72 7.32 -3.14
CA SER A 1 -21.40 7.74 -2.69
C SER A 1 -20.69 6.57 -2.01
N LEU A 2 -19.35 6.61 -1.98
CA LEU A 2 -18.60 5.55 -1.30
C LEU A 2 -18.93 5.52 0.19
N LEU A 3 -19.15 6.69 0.79
CA LEU A 3 -19.36 6.72 2.23
C LEU A 3 -20.68 6.04 2.62
N ASN A 4 -21.67 6.07 1.74
CA ASN A 4 -22.94 5.40 1.99
C ASN A 4 -22.95 3.95 1.52
N SER A 5 -21.84 3.44 0.99
CA SER A 5 -21.77 2.08 0.52
C SER A 5 -21.32 1.14 1.64
N ARG A 6 -21.37 -0.16 1.36
CA ARG A 6 -20.89 -1.17 2.28
C ARG A 6 -19.37 -1.35 2.21
N TYR A 7 -18.65 -0.59 1.39
CA TYR A 7 -17.22 -0.82 1.19
C TYR A 7 -16.39 0.36 1.68
N LYS A 8 -15.19 0.05 2.15
CA LYS A 8 -14.17 1.06 2.35
C LYS A 8 -13.34 1.20 1.08
N LEU A 9 -12.81 2.41 0.89
CA LEU A 9 -11.79 2.67 -0.11
C LEU A 9 -10.74 3.49 0.64
N VAL A 10 -9.68 2.80 1.04
CA VAL A 10 -8.62 3.38 1.88
C VAL A 10 -7.53 3.92 0.97
N CYS A 11 -7.29 5.22 1.04
CA CYS A 11 -6.33 5.90 0.16
C CYS A 11 -5.10 6.28 0.96
N TYR A 12 -3.93 5.79 0.54
CA TYR A 12 -2.71 6.28 1.15
C TYR A 12 -2.32 7.62 0.54
N TYR A 13 -2.00 8.57 1.40
CA TYR A 13 -1.41 9.86 1.07
C TYR A 13 0.07 9.79 1.43
N THR A 14 0.94 10.43 0.63
CA THR A 14 2.37 10.45 0.97
C THR A 14 2.87 11.90 1.04
N ASN A 15 3.50 12.27 2.16
CA ASN A 15 3.96 13.65 2.26
C ASN A 15 5.10 13.94 1.30
N TRP A 16 5.90 12.93 0.91
CA TRP A 16 7.05 13.25 0.07
C TRP A 16 6.69 13.49 -1.39
N SER A 17 5.45 13.23 -1.79
CA SER A 17 5.01 13.53 -3.15
C SER A 17 4.98 15.03 -3.43
N TRP A 18 5.10 15.85 -2.38
CA TRP A 18 5.22 17.29 -2.55
C TRP A 18 6.48 17.67 -3.30
N TYR A 19 7.56 16.92 -3.07
CA TYR A 19 8.90 17.23 -3.58
C TYR A 19 9.12 16.55 -4.93
N ARG A 20 8.30 16.96 -5.89
CA ARG A 20 8.35 16.48 -7.26
C ARG A 20 8.20 17.67 -8.20
N PRO A 21 8.82 17.61 -9.37
CA PRO A 21 8.78 18.75 -10.30
C PRO A 21 7.49 18.82 -11.09
N GLY A 22 7.16 20.05 -11.52
CA GLY A 22 6.07 20.24 -12.48
C GLY A 22 4.79 19.57 -12.06
N ILE A 23 4.21 18.80 -12.98
CA ILE A 23 2.89 18.23 -12.71
C ILE A 23 2.94 17.07 -11.74
N GLY A 24 4.14 16.59 -11.39
CA GLY A 24 4.23 15.53 -10.41
C GLY A 24 4.08 15.99 -8.98
N LYS A 25 4.15 17.30 -8.75
CA LYS A 25 3.92 17.83 -7.42
C LYS A 25 2.51 17.46 -6.97
N TYR A 26 2.40 16.97 -5.74
CA TYR A 26 1.11 16.65 -5.14
C TYR A 26 1.05 17.30 -3.77
N SER A 27 -0.05 17.96 -3.46
CA SER A 27 -0.27 18.68 -2.22
C SER A 27 -1.52 18.16 -1.54
N PRO A 28 -1.72 18.44 -0.26
CA PRO A 28 -2.94 17.94 0.40
C PRO A 28 -4.22 18.33 -0.32
N GLU A 29 -4.32 19.54 -0.87
CA GLU A 29 -5.57 19.96 -1.50
C GLU A 29 -5.81 19.30 -2.86
N ASP A 30 -4.84 18.52 -3.36
CA ASP A 30 -5.09 17.69 -4.53
C ASP A 30 -5.92 16.45 -4.22
N ILE A 31 -6.11 16.13 -2.95
CA ILE A 31 -6.94 14.98 -2.59
C ILE A 31 -8.36 15.22 -3.06
N ASP A 32 -8.90 14.27 -3.82
CA ASP A 32 -10.28 14.33 -4.27
C ASP A 32 -11.16 13.69 -3.21
N PRO A 33 -11.99 14.44 -2.50
CA PRO A 33 -12.77 13.86 -1.39
C PRO A 33 -13.88 12.94 -1.85
N SER A 34 -14.17 12.84 -3.14
CA SER A 34 -15.18 11.90 -3.59
C SER A 34 -14.61 10.51 -3.82
N LEU A 35 -13.30 10.29 -3.66
CA LEU A 35 -12.68 9.05 -4.10
C LEU A 35 -12.20 8.17 -2.96
N CYS A 36 -12.37 8.58 -1.71
CA CYS A 36 -11.87 7.81 -0.58
C CYS A 36 -12.88 7.83 0.55
N THR A 37 -12.99 6.71 1.28
CA THR A 37 -13.69 6.72 2.55
C THR A 37 -12.74 6.98 3.71
N HIS A 38 -11.48 6.61 3.53
CA HIS A 38 -10.43 6.71 4.54
C HIS A 38 -9.18 7.22 3.84
N ILE A 39 -8.47 8.13 4.50
CA ILE A 39 -7.17 8.59 4.03
C ILE A 39 -6.17 8.26 5.12
N VAL A 40 -5.04 7.71 4.72
CA VAL A 40 -3.98 7.34 5.66
C VAL A 40 -2.73 8.11 5.30
N TYR A 41 -2.18 8.86 6.26
CA TYR A 41 -1.08 9.79 6.04
C TYR A 41 0.24 9.04 6.20
N GLY A 42 1.00 8.88 5.12
CA GLY A 42 2.31 8.25 5.20
C GLY A 42 3.39 9.32 5.13
N PHE A 43 4.26 9.34 6.14
CA PHE A 43 4.32 8.51 7.34
C PHE A 43 4.77 9.37 8.50
N ALA A 44 4.44 8.96 9.72
CA ALA A 44 5.25 9.30 10.88
C ALA A 44 6.25 8.17 11.13
N VAL A 45 7.28 8.46 11.91
CA VAL A 45 8.35 7.49 12.13
C VAL A 45 8.57 7.31 13.62
N LEU A 46 9.37 6.30 13.95
CA LEU A 46 9.69 6.00 15.34
C LEU A 46 10.99 6.72 15.71
N GLY A 47 10.89 7.66 16.65
CA GLY A 47 12.06 8.39 17.10
C GLY A 47 13.04 7.52 17.86
N ASN A 48 14.25 8.05 18.04
CA ASN A 48 15.27 7.32 18.78
C ASN A 48 14.94 7.19 20.25
N ASP A 49 13.98 7.98 20.75
CA ASP A 49 13.50 7.88 22.11
C ASP A 49 12.31 6.93 22.25
N GLY A 50 12.02 6.15 21.22
CA GLY A 50 10.91 5.21 21.28
C GLY A 50 9.54 5.81 21.14
N LEU A 51 9.42 7.05 20.65
CA LEU A 51 8.16 7.76 20.53
C LEU A 51 7.90 8.12 19.08
N MET A 52 6.63 8.06 18.68
CA MET A 52 6.26 8.50 17.34
C MET A 52 6.59 9.96 17.15
N THR A 53 7.09 10.33 15.96
CA THR A 53 7.50 11.69 15.69
C THR A 53 7.30 11.97 14.20
N ALA A 54 7.22 13.26 13.87
CA ALA A 54 7.01 13.64 12.48
C ALA A 54 8.23 13.30 11.63
N HIS A 55 7.95 12.83 10.42
CA HIS A 55 8.99 12.44 9.46
C HIS A 55 9.63 13.64 8.78
N ASP A 56 8.84 14.69 8.52
CA ASP A 56 9.32 15.83 7.73
C ASP A 56 8.71 17.08 8.35
N THR A 57 9.44 17.72 9.27
CA THR A 57 8.82 18.84 9.99
C THR A 57 8.46 19.98 9.05
N TRP A 58 9.25 20.20 8.00
CA TRP A 58 8.95 21.29 7.08
C TRP A 58 7.55 21.14 6.46
N SER A 59 7.21 19.95 5.99
CA SER A 59 5.86 19.79 5.43
C SER A 59 4.83 19.54 6.52
N ASP A 60 5.06 18.52 7.34
CA ASP A 60 4.07 18.05 8.31
C ASP A 60 3.64 19.17 9.25
N TYR A 61 4.60 19.95 9.75
CA TYR A 61 4.36 20.98 10.75
C TYR A 61 4.39 22.38 10.15
N ASP A 62 5.54 22.78 9.59
CA ASP A 62 5.72 24.18 9.22
C ASP A 62 4.76 24.61 8.12
N ASN A 63 4.41 23.69 7.25
CA ASN A 63 3.48 23.97 6.19
C ASN A 63 2.12 23.31 6.46
N ARG A 64 1.91 22.94 7.72
CA ARG A 64 0.66 22.37 8.21
C ARG A 64 0.04 21.22 7.43
N PHE A 65 0.89 20.39 6.82
CA PHE A 65 0.39 19.24 6.08
C PHE A 65 -0.53 18.30 6.89
N TYR A 66 -0.19 18.06 8.16
CA TYR A 66 -1.01 17.19 8.97
C TYR A 66 -2.44 17.80 9.01
N GLU A 67 -2.51 19.07 9.37
CA GLU A 67 -3.81 19.73 9.48
C GLU A 67 -4.52 19.78 8.14
N ARG A 68 -3.77 19.95 7.05
CA ARG A 68 -4.40 20.09 5.74
C ARG A 68 -4.92 18.76 5.20
N VAL A 69 -4.42 17.64 5.71
CA VAL A 69 -5.03 16.35 5.35
C VAL A 69 -6.17 16.00 6.31
N VAL A 70 -5.98 16.30 7.61
CA VAL A 70 -7.06 16.12 8.57
C VAL A 70 -8.26 16.98 8.19
N GLU A 71 -8.05 18.06 7.42
CA GLU A 71 -9.15 18.81 6.80
C GLU A 71 -10.24 17.90 6.23
N TYR A 72 -9.84 16.78 5.63
CA TYR A 72 -10.82 15.98 4.90
C TYR A 72 -11.81 15.27 5.82
N LYS A 73 -11.63 15.32 7.15
CA LYS A 73 -12.69 14.82 8.03
C LYS A 73 -13.99 15.57 7.81
N ARG A 74 -13.92 16.79 7.29
CA ARG A 74 -15.11 17.60 7.11
C ARG A 74 -16.06 17.00 6.08
N TYR A 75 -15.55 16.13 5.22
CA TYR A 75 -16.36 15.40 4.25
C TYR A 75 -16.91 14.09 4.79
N GLY A 76 -16.59 13.73 6.03
CA GLY A 76 -16.98 12.44 6.56
C GLY A 76 -15.95 11.35 6.34
N ILE A 77 -14.81 11.70 5.77
CA ILE A 77 -13.70 10.78 5.57
C ILE A 77 -12.97 10.60 6.90
N LYS A 78 -12.53 9.38 7.18
CA LYS A 78 -11.71 9.13 8.36
C LYS A 78 -10.25 9.27 7.98
N VAL A 79 -9.49 10.05 8.77
CA VAL A 79 -8.10 10.37 8.42
C VAL A 79 -7.19 9.81 9.51
N SER A 80 -6.38 8.80 9.15
CA SER A 80 -5.47 8.20 10.10
C SER A 80 -4.04 8.60 9.75
N LEU A 81 -3.15 8.41 10.72
CA LEU A 81 -1.72 8.62 10.54
C LEU A 81 -1.04 7.27 10.51
N ALA A 82 -0.21 7.02 9.48
CA ALA A 82 0.55 5.76 9.40
C ALA A 82 1.92 5.93 10.03
N LEU A 83 2.32 4.92 10.81
CA LEU A 83 3.62 4.86 11.46
C LEU A 83 4.46 3.80 10.75
N GLY A 84 5.63 4.20 10.27
CA GLY A 84 6.55 3.23 9.72
C GLY A 84 6.88 3.45 8.26
N GLY A 85 6.54 2.46 7.44
CA GLY A 85 6.95 2.46 6.05
C GLY A 85 8.25 1.71 5.87
N TRP A 86 8.61 1.48 4.60
CA TRP A 86 9.77 0.63 4.30
C TRP A 86 11.06 1.18 4.91
N ASN A 87 11.38 2.45 4.64
CA ASN A 87 12.68 2.97 5.09
C ASN A 87 12.77 2.95 6.61
N ASP A 88 11.69 3.31 7.31
CA ASP A 88 11.75 3.32 8.77
C ASP A 88 11.84 1.93 9.34
N SER A 89 11.51 0.91 8.56
CA SER A 89 11.54 -0.45 9.05
C SER A 89 12.92 -1.11 8.90
N ALA A 90 13.93 -0.35 8.47
CA ALA A 90 15.27 -0.91 8.42
C ALA A 90 15.77 -1.15 9.84
N GLY A 91 16.37 -2.32 10.07
CA GLY A 91 17.00 -2.55 11.36
C GLY A 91 16.02 -2.90 12.47
N ASP A 92 16.48 -2.74 13.70
CA ASP A 92 15.84 -3.40 14.84
C ASP A 92 14.97 -2.49 15.71
N LYS A 93 14.78 -1.22 15.34
CA LYS A 93 14.16 -0.33 16.33
C LYS A 93 12.70 -0.70 16.62
N TYR A 94 11.93 -1.19 15.65
CA TYR A 94 10.57 -1.61 15.97
C TYR A 94 10.58 -2.89 16.79
N SER A 95 11.49 -3.81 16.47
CA SER A 95 11.64 -5.01 17.29
C SER A 95 12.02 -4.66 18.73
N LYS A 96 12.95 -3.72 18.91
CA LYS A 96 13.34 -3.34 20.27
C LYS A 96 12.14 -2.78 21.04
N LEU A 97 11.31 -1.99 20.36
CA LEU A 97 10.12 -1.44 20.98
C LEU A 97 9.17 -2.56 21.41
N VAL A 98 8.78 -3.44 20.47
CA VAL A 98 7.67 -4.33 20.78
C VAL A 98 8.09 -5.44 21.72
N ASN A 99 9.39 -5.67 21.90
CA ASN A 99 9.86 -6.71 22.83
C ASN A 99 10.07 -6.18 24.24
N ASP A 100 9.72 -4.93 24.49
CA ASP A 100 10.00 -4.23 25.75
C ASP A 100 8.68 -3.67 26.27
N PRO A 101 8.02 -4.37 27.20
CA PRO A 101 6.70 -3.90 27.68
C PRO A 101 6.75 -2.48 28.25
N ALA A 102 7.82 -2.11 28.94
CA ALA A 102 7.91 -0.74 29.46
C ALA A 102 7.97 0.27 28.33
N ALA A 103 8.70 -0.05 27.27
CA ALA A 103 8.78 0.85 26.12
C ALA A 103 7.46 0.93 25.39
N ARG A 104 6.76 -0.20 25.24
CA ARG A 104 5.43 -0.15 24.63
C ARG A 104 4.49 0.73 25.45
N ALA A 105 4.53 0.62 26.79
CA ALA A 105 3.61 1.38 27.63
C ALA A 105 3.83 2.86 27.48
N LYS A 106 5.08 3.26 27.34
CA LYS A 106 5.41 4.68 27.17
C LYS A 106 4.95 5.13 25.77
N PHE A 107 5.27 4.33 24.77
CA PHE A 107 4.93 4.66 23.40
C PHE A 107 3.43 4.86 23.23
N VAL A 108 2.62 4.01 23.85
CA VAL A 108 1.18 4.00 23.58
C VAL A 108 0.53 5.30 24.06
N GLN A 109 0.84 5.74 25.28
CA GLN A 109 0.19 6.95 25.77
C GLN A 109 0.62 8.17 24.96
N HIS A 110 1.89 8.22 24.58
CA HIS A 110 2.36 9.34 23.78
C HIS A 110 1.73 9.32 22.40
N ALA A 111 1.57 8.13 21.81
CA ALA A 111 1.06 8.06 20.45
C ALA A 111 -0.38 8.55 20.39
N VAL A 112 -1.20 8.17 21.36
CA VAL A 112 -2.58 8.63 21.34
C VAL A 112 -2.66 10.14 21.54
N ALA A 113 -1.84 10.68 22.44
CA ALA A 113 -1.80 12.13 22.61
C ALA A 113 -1.38 12.82 21.32
N PHE A 114 -0.44 12.22 20.58
CA PHE A 114 0.03 12.76 19.31
C PHE A 114 -1.11 12.81 18.28
N LEU A 115 -1.85 11.70 18.14
CA LEU A 115 -2.99 11.68 17.25
C LEU A 115 -4.01 12.75 17.63
N GLU A 116 -4.31 12.87 18.92
CA GLU A 116 -5.34 13.81 19.32
C GLU A 116 -4.89 15.25 19.15
N LYS A 117 -3.60 15.52 19.33
CA LYS A 117 -3.09 16.88 19.12
C LYS A 117 -3.38 17.39 17.71
N TYR A 118 -3.21 16.54 16.70
CA TYR A 118 -3.41 16.95 15.31
C TYR A 118 -4.76 16.55 14.75
N GLY A 119 -5.62 15.92 15.54
CA GLY A 119 -6.96 15.62 15.09
C GLY A 119 -7.10 14.39 14.22
N PHE A 120 -6.12 13.49 14.26
CA PHE A 120 -6.27 12.26 13.49
C PHE A 120 -7.34 11.36 14.11
N ASP A 121 -8.02 10.60 13.24
CA ASP A 121 -9.05 9.66 13.65
C ASP A 121 -8.50 8.33 14.10
N GLY A 122 -7.23 8.06 13.87
CA GLY A 122 -6.70 6.76 14.21
C GLY A 122 -5.26 6.62 13.77
N LEU A 123 -4.73 5.43 14.05
CA LEU A 123 -3.34 5.08 13.77
C LEU A 123 -3.32 3.86 12.86
N ASP A 124 -2.44 3.91 11.86
CA ASP A 124 -2.19 2.79 10.94
C ASP A 124 -0.75 2.31 11.17
N LEU A 125 -0.58 1.03 11.48
CA LEU A 125 0.75 0.47 11.72
C LEU A 125 1.30 -0.09 10.41
N ASP A 126 2.47 0.39 9.98
N ASP A 126 2.48 0.38 9.99
CA ASP A 126 3.10 -0.09 8.75
CA ASP A 126 3.12 -0.06 8.76
C ASP A 126 4.54 -0.48 9.03
C ASP A 126 4.55 -0.49 9.03
N TRP A 127 4.73 -1.42 9.96
CA TRP A 127 6.04 -2.00 10.21
C TRP A 127 6.28 -3.11 9.21
N GLU A 128 7.33 -2.99 8.41
CA GLU A 128 7.62 -3.95 7.35
C GLU A 128 8.94 -4.68 7.67
N TYR A 129 8.90 -5.75 8.45
CA TYR A 129 7.72 -6.45 9.00
C TYR A 129 8.15 -7.05 10.33
N PRO A 130 7.20 -7.35 11.22
CA PRO A 130 7.56 -8.12 12.42
C PRO A 130 8.27 -9.40 12.01
N LYS A 131 9.36 -9.70 12.72
CA LYS A 131 10.17 -10.90 12.51
C LYS A 131 10.99 -10.79 11.22
N CYS A 132 10.32 -10.64 10.08
CA CYS A 132 11.02 -10.56 8.80
C CYS A 132 11.29 -9.10 8.47
N TRP A 133 12.29 -8.53 9.16
CA TRP A 133 12.62 -7.12 8.95
C TRP A 133 12.98 -6.91 7.49
N GLN A 134 12.26 -6.00 6.84
CA GLN A 134 12.44 -5.74 5.40
C GLN A 134 12.50 -7.05 4.60
N VAL A 135 11.61 -7.98 4.96
CA VAL A 135 11.42 -9.27 4.30
C VAL A 135 12.70 -10.09 4.36
N ASP A 136 13.40 -10.03 5.48
CA ASP A 136 14.50 -10.95 5.75
C ASP A 136 14.15 -11.65 7.05
N CYS A 137 13.57 -12.85 6.95
CA CYS A 137 13.09 -13.58 8.12
C CYS A 137 14.22 -14.13 8.97
N SER A 138 15.46 -14.07 8.49
CA SER A 138 16.59 -14.45 9.31
C SER A 138 16.96 -13.38 10.34
N LYS A 139 16.41 -12.16 10.22
CA LYS A 139 16.92 -11.03 10.99
C LYS A 139 16.28 -10.90 12.37
N GLY A 140 14.97 -11.10 12.46
CA GLY A 140 14.26 -10.76 13.67
C GLY A 140 13.90 -11.96 14.50
N PRO A 141 13.65 -11.74 15.80
CA PRO A 141 13.27 -12.84 16.68
C PRO A 141 11.81 -13.19 16.51
N ASP A 142 11.52 -14.48 16.71
CA ASP A 142 10.15 -14.97 16.74
C ASP A 142 9.27 -14.14 17.65
N SER A 143 9.82 -13.65 18.76
CA SER A 143 9.04 -12.91 19.74
C SER A 143 8.53 -11.57 19.21
N ASP A 144 8.99 -11.12 18.03
CA ASP A 144 8.33 -10.00 17.37
C ASP A 144 6.84 -10.26 17.17
N LYS A 145 6.46 -11.52 16.94
CA LYS A 145 5.04 -11.82 16.70
C LYS A 145 4.21 -11.51 17.92
N GLN A 146 4.57 -12.06 19.09
CA GLN A 146 3.82 -11.76 20.30
C GLN A 146 3.95 -10.29 20.67
N GLY A 147 5.14 -9.71 20.47
CA GLY A 147 5.34 -8.32 20.85
C GLY A 147 4.44 -7.40 20.05
N PHE A 148 4.36 -7.63 18.73
CA PHE A 148 3.46 -6.83 17.90
C PHE A 148 2.01 -7.03 18.31
N ALA A 149 1.62 -8.28 18.59
CA ALA A 149 0.25 -8.54 19.01
C ALA A 149 -0.08 -7.81 20.30
N ASP A 150 0.87 -7.76 21.24
CA ASP A 150 0.61 -7.04 22.49
C ASP A 150 0.60 -5.54 22.25
N LEU A 151 1.45 -5.04 21.35
CA LEU A 151 1.40 -3.62 20.99
C LEU A 151 0.03 -3.27 20.40
N VAL A 152 -0.49 -4.11 19.52
CA VAL A 152 -1.82 -3.87 18.95
C VAL A 152 -2.88 -3.89 20.05
N HIS A 153 -2.78 -4.84 20.99
CA HIS A 153 -3.73 -4.86 22.08
C HIS A 153 -3.65 -3.57 22.89
N GLU A 154 -2.43 -3.17 23.25
CA GLU A 154 -2.26 -2.02 24.13
C GLU A 154 -2.70 -0.73 23.44
N LEU A 155 -2.48 -0.62 22.14
CA LEU A 155 -2.99 0.53 21.39
C LEU A 155 -4.52 0.51 21.32
N SER A 156 -5.08 -0.66 21.02
CA SER A 156 -6.53 -0.79 20.95
C SER A 156 -7.19 -0.38 22.27
N ALA A 157 -6.58 -0.79 23.38
CA ALA A 157 -7.18 -0.55 24.69
C ALA A 157 -7.30 0.93 25.01
N VAL A 158 -6.43 1.75 24.43
CA VAL A 158 -6.49 3.20 24.63
C VAL A 158 -7.27 3.89 23.51
N LEU A 159 -7.13 3.40 22.29
CA LEU A 159 -7.78 4.07 21.16
C LEU A 159 -9.27 3.80 21.11
N LYS A 160 -9.68 2.54 21.30
CA LYS A 160 -11.08 2.19 21.09
C LYS A 160 -12.02 2.92 22.05
N PRO A 161 -11.72 3.05 23.35
CA PRO A 161 -12.62 3.82 24.22
C PRO A 161 -12.79 5.27 23.81
N LYS A 162 -11.78 5.85 23.14
CA LYS A 162 -11.87 7.22 22.63
C LYS A 162 -12.52 7.30 21.26
N GLY A 163 -12.99 6.19 20.71
CA GLY A 163 -13.58 6.25 19.39
C GLY A 163 -12.58 6.38 18.27
N LEU A 164 -11.32 6.04 18.52
CA LEU A 164 -10.26 6.19 17.53
C LEU A 164 -9.97 4.83 16.88
N LEU A 165 -9.50 4.88 15.63
CA LEU A 165 -9.33 3.70 14.81
C LEU A 165 -7.91 3.15 14.89
N LEU A 166 -7.79 1.84 14.67
CA LEU A 166 -6.49 1.20 14.62
C LEU A 166 -6.50 0.20 13.47
N SER A 167 -5.52 0.32 12.58
CA SER A 167 -5.42 -0.51 11.40
C SER A 167 -3.95 -0.86 11.18
N ALA A 168 -3.72 -1.77 10.23
CA ALA A 168 -2.35 -2.10 9.88
C ALA A 168 -2.26 -2.44 8.41
N ALA A 169 -1.15 -2.03 7.79
CA ALA A 169 -0.78 -2.51 6.45
C ALA A 169 0.10 -3.73 6.62
N VAL A 170 -0.23 -4.81 5.92
CA VAL A 170 0.38 -6.11 6.19
C VAL A 170 0.88 -6.79 4.92
N SER A 171 1.84 -7.70 5.13
CA SER A 171 2.49 -8.42 4.04
C SER A 171 1.51 -9.33 3.28
N PRO A 172 1.75 -9.54 1.98
CA PRO A 172 1.01 -10.54 1.21
C PRO A 172 1.75 -11.87 1.10
N ASN A 173 2.93 -11.96 1.70
CA ASN A 173 3.85 -13.08 1.52
C ASN A 173 3.60 -14.13 2.60
N LYS A 174 3.28 -15.34 2.21
CA LYS A 174 3.00 -16.40 3.13
C LYS A 174 3.98 -16.57 4.24
N MET A 175 5.25 -16.53 3.90
CA MET A 175 6.32 -16.74 4.86
C MET A 175 6.35 -15.63 5.94
N VAL A 176 6.11 -14.41 5.50
CA VAL A 176 6.11 -13.29 6.41
C VAL A 176 4.86 -13.32 7.26
N ILE A 177 3.73 -13.60 6.65
CA ILE A 177 2.48 -13.72 7.41
C ILE A 177 2.64 -14.73 8.52
N ASP A 178 3.19 -15.89 8.18
CA ASP A 178 3.35 -16.97 9.16
C ASP A 178 4.28 -16.56 10.30
N ALA A 179 5.37 -15.85 9.99
CA ALA A 179 6.37 -15.54 11.01
C ALA A 179 6.00 -14.34 11.85
N GLY A 180 5.30 -13.36 11.28
CA GLY A 180 5.18 -12.07 11.92
C GLY A 180 3.85 -11.76 12.58
N TYR A 181 2.78 -12.45 12.20
CA TYR A 181 1.45 -11.99 12.57
C TYR A 181 0.71 -13.03 13.39
N ASP A 182 0.25 -12.62 14.56
CA ASP A 182 -0.75 -13.38 15.31
C ASP A 182 -2.09 -12.98 14.71
N VAL A 183 -2.49 -13.70 13.66
CA VAL A 183 -3.63 -13.26 12.86
C VAL A 183 -4.92 -13.17 13.67
N PRO A 184 -5.28 -14.15 14.50
CA PRO A 184 -6.54 -13.99 15.27
C PRO A 184 -6.55 -12.74 16.15
N VAL A 185 -5.43 -12.42 16.80
CA VAL A 185 -5.42 -11.25 17.66
C VAL A 185 -5.56 -9.98 16.84
N LEU A 186 -4.82 -9.90 15.74
CA LEU A 186 -4.93 -8.73 14.87
C LEU A 186 -6.32 -8.62 14.28
N ALA A 187 -6.87 -9.75 13.80
CA ALA A 187 -8.19 -9.71 13.17
C ALA A 187 -9.26 -9.26 14.15
N ARG A 188 -9.12 -9.62 15.42
CA ARG A 188 -10.13 -9.26 16.41
C ARG A 188 -10.05 -7.78 16.77
N LEU A 189 -8.84 -7.23 16.88
CA LEU A 189 -8.67 -5.90 17.45
C LEU A 189 -8.59 -4.79 16.41
N LEU A 190 -8.11 -5.08 15.20
CA LEU A 190 -7.97 -4.03 14.19
C LEU A 190 -9.30 -3.72 13.51
N ASP A 191 -9.51 -2.44 13.20
CA ASP A 191 -10.71 -2.05 12.48
C ASP A 191 -10.65 -2.49 11.02
N TRP A 192 -9.45 -2.46 10.43
CA TRP A 192 -9.24 -3.11 9.15
C TRP A 192 -7.78 -3.49 9.01
N ILE A 193 -7.55 -4.42 8.10
CA ILE A 193 -6.24 -4.92 7.75
C ILE A 193 -6.06 -4.63 6.27
N ALA A 194 -5.12 -3.75 5.94
CA ALA A 194 -4.88 -3.37 4.55
C ALA A 194 -3.81 -4.33 4.02
N VAL A 195 -4.23 -5.32 3.23
CA VAL A 195 -3.28 -6.31 2.73
C VAL A 195 -2.59 -5.71 1.53
N MET A 196 -1.26 -5.64 1.57
CA MET A 196 -0.48 -5.00 0.50
C MET A 196 -0.25 -6.03 -0.62
N THR A 197 -1.34 -6.30 -1.34
CA THR A 197 -1.37 -7.29 -2.43
C THR A 197 -0.73 -6.71 -3.69
N TYR A 198 0.54 -6.33 -3.54
CA TYR A 198 1.35 -5.80 -4.64
C TYR A 198 2.82 -5.97 -4.25
N ASP A 199 3.71 -5.58 -5.16
CA ASP A 199 5.15 -5.83 -5.02
C ASP A 199 5.46 -7.33 -4.87
N TYR A 200 4.64 -8.16 -5.51
CA TYR A 200 4.95 -9.59 -5.59
C TYR A 200 6.21 -9.84 -6.39
N HIS A 201 6.52 -8.95 -7.33
CA HIS A 201 7.66 -9.08 -8.20
C HIS A 201 8.26 -7.72 -8.47
N GLY A 202 9.55 -7.71 -8.77
CA GLY A 202 10.29 -6.48 -9.01
C GLY A 202 11.71 -6.85 -9.34
N GLN A 203 12.53 -5.80 -9.52
CA GLN A 203 13.89 -5.98 -9.99
C GLN A 203 14.68 -6.98 -9.15
N TRP A 204 14.33 -7.13 -7.87
CA TRP A 204 15.08 -8.02 -6.98
C TRP A 204 14.97 -9.48 -7.40
N ASP A 205 13.97 -9.83 -8.22
CA ASP A 205 13.80 -11.20 -8.68
C ASP A 205 14.81 -11.59 -9.73
N LYS A 206 15.49 -10.60 -10.34
CA LYS A 206 16.42 -10.79 -11.45
C LYS A 206 15.72 -11.32 -12.70
N LYS A 207 14.40 -11.20 -12.77
CA LYS A 207 13.68 -11.53 -13.98
C LYS A 207 12.36 -10.78 -13.96
N THR A 208 11.73 -10.64 -15.13
CA THR A 208 10.51 -9.86 -15.21
C THR A 208 9.32 -10.59 -14.58
N GLY A 209 8.37 -9.81 -14.07
CA GLY A 209 7.21 -10.38 -13.44
C GLY A 209 6.24 -9.26 -13.14
N HIS A 210 5.02 -9.65 -12.78
CA HIS A 210 3.98 -8.65 -12.55
C HIS A 210 3.99 -8.16 -11.11
N VAL A 211 3.90 -6.83 -10.95
CA VAL A 211 3.83 -6.21 -9.62
C VAL A 211 2.70 -6.79 -8.77
N ALA A 212 1.57 -7.18 -9.36
CA ALA A 212 0.40 -7.52 -8.55
C ALA A 212 -0.55 -8.46 -9.29
N PRO A 213 -0.14 -9.70 -9.51
CA PRO A 213 -1.05 -10.66 -10.14
C PRO A 213 -2.25 -10.93 -9.26
N LEU A 214 -3.41 -11.16 -9.89
CA LEU A 214 -4.62 -11.54 -9.18
C LEU A 214 -4.71 -13.05 -8.99
N TYR A 215 -4.48 -13.81 -10.05
CA TYR A 215 -4.58 -15.26 -10.02
C TYR A 215 -3.27 -15.89 -10.45
N TYR A 216 -3.11 -17.14 -10.02
CA TYR A 216 -1.99 -17.99 -10.41
C TYR A 216 -1.83 -18.02 -11.92
N HIS A 217 -0.58 -18.01 -12.36
CA HIS A 217 -0.20 -18.14 -13.76
C HIS A 217 0.68 -19.38 -13.93
N PRO A 218 0.50 -20.16 -15.00
CA PRO A 218 1.18 -21.48 -15.07
C PRO A 218 2.70 -21.42 -14.99
N ASP A 219 3.32 -20.28 -15.28
CA ASP A 219 4.78 -20.18 -15.24
C ASP A 219 5.29 -19.60 -13.92
N ASP A 220 4.41 -19.40 -12.93
CA ASP A 220 4.86 -18.89 -11.65
C ASP A 220 5.76 -19.92 -10.96
N ASP A 221 6.76 -19.42 -10.23
CA ASP A 221 7.62 -20.29 -9.43
C ASP A 221 6.90 -20.90 -8.26
N THR A 222 5.79 -20.29 -7.83
CA THR A 222 5.08 -20.73 -6.63
C THR A 222 3.58 -20.56 -6.86
N THR A 223 2.78 -21.17 -5.99
CA THR A 223 1.34 -20.95 -6.07
C THR A 223 0.86 -19.83 -5.17
N TYR A 224 1.78 -19.19 -4.44
N TYR A 224 1.72 -19.17 -4.41
CA TYR A 224 1.49 -18.26 -3.36
CA TYR A 224 1.19 -18.20 -3.46
C TYR A 224 1.54 -16.79 -3.77
C TYR A 224 1.56 -16.76 -3.75
N PHE A 225 2.24 -16.46 -4.86
CA PHE A 225 2.54 -15.08 -5.18
C PHE A 225 1.45 -14.47 -6.07
N ASN A 226 0.23 -14.41 -5.52
CA ASN A 226 -0.87 -13.75 -6.22
C ASN A 226 -1.92 -13.33 -5.21
N ALA A 227 -2.70 -12.30 -5.56
CA ALA A 227 -3.63 -11.72 -4.59
C ALA A 227 -4.68 -12.72 -4.14
N ASN A 228 -5.11 -13.60 -5.05
CA ASN A 228 -6.15 -14.58 -4.72
C ASN A 228 -5.69 -15.48 -3.57
N TYR A 229 -4.50 -16.03 -3.69
CA TYR A 229 -3.96 -16.87 -2.62
C TYR A 229 -3.82 -16.06 -1.32
N THR A 230 -3.23 -14.87 -1.43
CA THR A 230 -2.95 -14.06 -0.25
C THR A 230 -4.22 -13.74 0.54
N ILE A 231 -5.27 -13.26 -0.15
CA ILE A 231 -6.49 -12.88 0.55
C ILE A 231 -7.14 -14.10 1.19
N HIS A 232 -7.18 -15.22 0.45
CA HIS A 232 -7.75 -16.43 1.05
C HIS A 232 -6.92 -16.91 2.23
N TYR A 233 -5.61 -16.70 2.18
CA TYR A 233 -4.75 -17.14 3.28
C TYR A 233 -5.00 -16.32 4.52
N TRP A 234 -5.16 -14.99 4.38
CA TRP A 234 -5.49 -14.19 5.55
C TRP A 234 -6.79 -14.66 6.18
N MET A 235 -7.78 -15.04 5.36
CA MET A 235 -9.03 -15.53 5.92
C MET A 235 -8.85 -16.90 6.56
N GLU A 236 -8.07 -17.78 5.91
CA GLU A 236 -7.82 -19.11 6.49
C GLU A 236 -7.14 -19.00 7.85
N LYS A 237 -6.26 -18.02 8.00
CA LYS A 237 -5.55 -17.80 9.26
C LYS A 237 -6.44 -17.19 10.33
N GLY A 238 -7.69 -16.83 9.99
CA GLY A 238 -8.62 -16.36 10.98
C GLY A 238 -9.14 -14.95 10.78
N THR A 239 -8.89 -14.32 9.60
CA THR A 239 -9.37 -12.95 9.42
C THR A 239 -10.77 -12.94 8.82
N PRO A 240 -11.73 -12.25 9.44
CA PRO A 240 -13.04 -12.06 8.80
C PRO A 240 -12.92 -11.28 7.51
N ALA A 241 -13.72 -11.65 6.51
CA ALA A 241 -13.71 -10.89 5.25
C ALA A 241 -13.94 -9.41 5.48
N SER A 242 -14.83 -9.06 6.41
CA SER A 242 -15.16 -7.65 6.60
C SER A 242 -13.99 -6.83 7.10
N LYS A 243 -12.96 -7.46 7.66
CA LYS A 243 -11.80 -6.75 8.17
C LYS A 243 -10.73 -6.51 7.10
N ILE A 244 -10.85 -7.12 5.93
CA ILE A 244 -9.81 -7.05 4.90
C ILE A 244 -10.14 -5.93 3.90
N VAL A 245 -9.16 -5.08 3.61
CA VAL A 245 -9.23 -4.25 2.41
C VAL A 245 -8.04 -4.65 1.54
N MET A 246 -8.31 -4.85 0.24
CA MET A 246 -7.32 -5.39 -0.67
C MET A 246 -6.56 -4.28 -1.38
N GLY A 247 -5.23 -4.28 -1.25
CA GLY A 247 -4.42 -3.23 -1.86
C GLY A 247 -4.30 -3.37 -3.37
N MET A 248 -4.30 -2.22 -4.05
CA MET A 248 -4.13 -2.18 -5.49
C MET A 248 -3.10 -1.10 -5.81
N PRO A 249 -2.13 -1.38 -6.67
CA PRO A 249 -1.05 -0.43 -6.94
C PRO A 249 -1.40 0.58 -8.02
N MET A 250 -1.13 1.86 -7.73
CA MET A 250 -1.24 2.94 -8.70
C MET A 250 0.07 3.20 -9.41
N TYR A 251 0.90 2.17 -9.53
CA TYR A 251 2.27 2.30 -10.04
C TYR A 251 2.68 0.95 -10.61
N GLY A 252 3.84 0.93 -11.26
CA GLY A 252 4.40 -0.31 -11.77
C GLY A 252 5.80 -0.54 -11.25
N GLN A 253 6.23 -1.81 -11.34
CA GLN A 253 7.62 -2.18 -11.13
C GLN A 253 8.31 -2.23 -12.49
N SER A 254 9.47 -1.59 -12.58
CA SER A 254 10.17 -1.48 -13.86
C SER A 254 11.47 -2.28 -13.81
N PHE A 255 11.91 -2.69 -15.00
CA PHE A 255 13.03 -3.62 -15.13
C PHE A 255 13.88 -3.21 -16.33
N THR A 256 15.19 -3.38 -16.22
CA THR A 256 16.08 -3.29 -17.38
C THR A 256 16.35 -4.73 -17.81
N ILE A 257 15.86 -5.11 -18.97
CA ILE A 257 15.98 -6.51 -19.38
C ILE A 257 17.32 -6.71 -20.06
N GLU A 258 17.83 -7.94 -19.95
CA GLU A 258 19.18 -8.25 -20.38
C GLU A 258 19.32 -8.20 -21.90
N ASN A 259 18.26 -8.53 -22.63
CA ASN A 259 18.35 -8.54 -24.08
C ASN A 259 17.01 -8.08 -24.64
N ARG A 260 17.04 -7.05 -25.49
CA ARG A 260 15.84 -6.44 -26.04
C ARG A 260 15.04 -7.40 -26.91
N GLY A 261 15.61 -8.55 -27.29
CA GLY A 261 15.00 -9.48 -28.22
C GLY A 261 13.88 -10.35 -27.66
N ILE A 262 13.95 -10.67 -26.38
CA ILE A 262 12.83 -11.31 -25.69
C ILE A 262 12.29 -10.34 -24.67
N HIS A 263 10.97 -10.35 -24.48
CA HIS A 263 10.33 -9.32 -23.68
C HIS A 263 9.09 -9.83 -22.97
N GLY A 264 9.02 -11.14 -22.72
CA GLY A 264 7.88 -11.73 -22.04
C GLY A 264 8.06 -11.71 -20.54
N LEU A 265 7.30 -12.58 -19.88
CA LEU A 265 7.41 -12.79 -18.44
C LEU A 265 8.62 -13.68 -18.13
N ASN A 266 9.17 -13.48 -16.92
CA ASN A 266 10.20 -14.35 -16.36
C ASN A 266 11.51 -14.34 -17.15
N ILE A 267 11.77 -13.26 -17.88
CA ILE A 267 12.99 -13.16 -18.68
C ILE A 267 14.07 -12.48 -17.86
N PRO A 268 15.36 -12.76 -18.10
CA PRO A 268 16.42 -12.21 -17.23
C PRO A 268 16.48 -10.69 -17.25
N VAL A 269 16.82 -10.15 -16.08
CA VAL A 269 16.84 -8.72 -15.81
C VAL A 269 18.17 -8.38 -15.15
N SER A 270 18.81 -7.29 -15.59
CA SER A 270 20.09 -6.86 -15.06
C SER A 270 19.99 -5.78 -13.99
N ASP A 271 18.87 -5.06 -13.90
CA ASP A 271 18.75 -3.95 -12.96
C ASP A 271 17.30 -3.52 -12.94
N GLY A 272 16.96 -2.62 -12.01
CA GLY A 272 15.69 -1.92 -12.12
C GLY A 272 15.63 -1.09 -13.38
N GLY A 273 14.41 -0.71 -13.75
CA GLY A 273 14.23 0.17 -14.88
C GLY A 273 14.74 1.58 -14.61
N GLU A 274 14.99 2.30 -15.69
CA GLU A 274 15.45 3.68 -15.57
C GLU A 274 14.44 4.51 -14.79
N PRO A 275 14.89 5.38 -13.88
CA PRO A 275 13.95 6.17 -13.07
C PRO A 275 13.06 7.07 -13.92
N GLY A 276 11.85 7.29 -13.43
CA GLY A 276 10.95 8.20 -14.06
C GLY A 276 11.35 9.65 -13.74
N GLU A 277 10.96 10.64 -14.55
N GLU A 277 11.00 10.68 -14.54
CA GLU A 277 11.28 12.05 -14.37
CA GLU A 277 11.35 12.06 -14.26
C GLU A 277 10.66 12.62 -13.10
C GLU A 277 10.72 12.55 -12.97
N TYR A 278 9.54 12.03 -12.75
CA TYR A 278 8.88 12.60 -11.61
C TYR A 278 9.10 11.86 -10.29
N THR A 279 9.09 10.56 -10.31
CA THR A 279 9.23 9.79 -9.07
C THR A 279 10.68 9.43 -8.76
N ARG A 280 11.56 9.42 -9.76
CA ARG A 280 13.01 9.44 -9.55
C ARG A 280 13.47 8.29 -8.65
N ALA A 281 12.98 7.09 -8.94
CA ALA A 281 13.32 5.89 -8.18
C ALA A 281 13.50 4.75 -9.18
N LYS A 282 14.73 4.25 -9.28
CA LYS A 282 15.01 3.14 -10.18
C LYS A 282 14.13 1.94 -9.82
N GLY A 283 13.53 1.33 -10.84
CA GLY A 283 12.64 0.19 -10.62
C GLY A 283 11.20 0.54 -10.37
N PHE A 284 10.85 1.83 -10.35
CA PHE A 284 9.50 2.29 -9.98
C PHE A 284 9.00 3.28 -11.02
N LEU A 285 7.74 3.16 -11.43
CA LEU A 285 7.12 4.21 -12.25
C LEU A 285 5.69 4.45 -11.78
N ALA A 286 5.32 5.72 -11.64
CA ALA A 286 3.92 6.02 -11.34
C ALA A 286 3.05 5.68 -12.55
N TYR A 287 1.76 5.41 -12.30
CA TYR A 287 0.87 5.15 -13.42
C TYR A 287 0.92 6.30 -14.42
N TYR A 288 1.01 7.55 -13.94
CA TYR A 288 1.01 8.66 -14.90
C TYR A 288 2.30 8.76 -15.69
N GLU A 289 3.38 8.12 -15.21
CA GLU A 289 4.58 7.97 -16.02
C GLU A 289 4.44 6.84 -17.03
N ILE A 290 3.78 5.74 -16.63
CA ILE A 290 3.62 4.60 -17.52
C ILE A 290 2.65 4.94 -18.66
N CYS A 291 1.51 5.54 -18.34
CA CYS A 291 0.54 5.76 -19.40
C CYS A 291 1.07 6.76 -20.43
N ASP A 292 1.95 7.67 -20.02
CA ASP A 292 2.57 8.57 -20.97
C ASP A 292 3.53 7.84 -21.88
N ARG A 293 4.29 6.89 -21.32
CA ARG A 293 5.19 6.09 -22.16
C ARG A 293 4.42 5.32 -23.23
N ILE A 294 3.27 4.78 -22.85
CA ILE A 294 2.44 4.04 -23.80
C ILE A 294 1.82 4.97 -24.83
N ARG A 295 1.28 6.11 -24.37
CA ARG A 295 0.51 6.98 -25.24
C ARG A 295 1.42 7.73 -26.21
N ASN A 296 2.59 8.17 -25.76
CA ASN A 296 3.38 9.14 -26.52
C ASN A 296 4.80 8.68 -26.85
N SER A 297 5.27 7.57 -26.29
CA SER A 297 6.60 7.08 -26.55
C SER A 297 6.61 5.67 -27.15
N GLY A 298 5.47 5.19 -27.60
CA GLY A 298 5.41 3.95 -28.36
C GLY A 298 5.74 2.68 -27.60
N TRP A 299 5.57 2.65 -26.28
CA TRP A 299 5.79 1.40 -25.57
C TRP A 299 4.72 0.39 -25.98
N THR A 300 5.14 -0.86 -26.13
CA THR A 300 4.27 -1.96 -26.55
C THR A 300 3.61 -2.59 -25.33
N VAL A 301 2.28 -2.74 -25.36
CA VAL A 301 1.52 -3.27 -24.23
C VAL A 301 1.12 -4.71 -24.52
N VAL A 302 1.34 -5.59 -23.53
CA VAL A 302 0.92 -6.98 -23.61
C VAL A 302 -0.08 -7.22 -22.48
N LYS A 303 -1.29 -7.64 -22.84
CA LYS A 303 -2.32 -7.95 -21.86
C LYS A 303 -2.46 -9.46 -21.69
N ASP A 304 -3.02 -9.86 -20.54
CA ASP A 304 -3.35 -11.26 -20.30
C ASP A 304 -4.81 -11.49 -20.69
N PRO A 305 -5.08 -12.26 -21.74
CA PRO A 305 -6.48 -12.44 -22.17
C PRO A 305 -7.34 -13.13 -21.13
N TYR A 306 -6.72 -13.89 -20.22
CA TYR A 306 -7.42 -14.52 -19.12
C TYR A 306 -7.53 -13.62 -17.89
N GLN A 307 -6.87 -12.47 -17.90
CA GLN A 307 -7.04 -11.49 -16.82
C GLN A 307 -6.66 -12.08 -15.47
N ARG A 308 -5.59 -12.87 -15.47
CA ARG A 308 -5.00 -13.28 -14.20
C ARG A 308 -4.10 -12.19 -13.64
N MET A 309 -3.71 -11.24 -14.48
CA MET A 309 -2.81 -10.17 -14.09
C MET A 309 -3.01 -9.04 -15.08
N GLY A 310 -2.60 -7.85 -14.66
CA GLY A 310 -2.67 -6.69 -15.50
C GLY A 310 -1.60 -6.73 -16.58
N PRO A 311 -1.48 -5.64 -17.32
CA PRO A 311 -0.58 -5.58 -18.47
C PRO A 311 0.88 -5.43 -18.06
N TYR A 312 1.76 -5.65 -19.04
CA TYR A 312 3.09 -5.08 -18.97
C TYR A 312 3.35 -4.33 -20.26
N ALA A 313 4.36 -3.47 -20.23
CA ALA A 313 4.69 -2.65 -21.40
C ALA A 313 6.20 -2.54 -21.51
N TYR A 314 6.69 -2.41 -22.74
CA TYR A 314 8.14 -2.43 -22.92
C TYR A 314 8.55 -1.60 -24.13
N LYS A 315 9.81 -1.14 -24.08
CA LYS A 315 10.43 -0.48 -25.22
C LYS A 315 11.93 -0.59 -25.05
N GLY A 316 12.62 -1.07 -26.08
CA GLY A 316 14.05 -1.25 -25.95
C GLY A 316 14.33 -2.26 -24.86
N ASN A 317 15.22 -1.90 -23.93
CA ASN A 317 15.52 -2.77 -22.80
C ASN A 317 14.75 -2.39 -21.54
N GLN A 318 13.67 -1.62 -21.68
CA GLN A 318 12.87 -1.19 -20.53
C GLN A 318 11.55 -1.94 -20.51
N TRP A 319 11.12 -2.36 -19.32
CA TRP A 319 9.96 -3.24 -19.17
C TRP A 319 9.28 -2.89 -17.86
N VAL A 320 7.95 -2.73 -17.87
CA VAL A 320 7.23 -2.37 -16.65
C VAL A 320 5.92 -3.14 -16.56
N SER A 321 5.59 -3.64 -15.36
CA SER A 321 4.30 -4.29 -15.14
C SER A 321 3.46 -3.43 -14.19
N PHE A 322 2.16 -3.41 -14.42
CA PHE A 322 1.29 -2.44 -13.74
C PHE A 322 -0.15 -2.88 -13.89
N ASP A 323 -1.05 -2.13 -13.23
CA ASP A 323 -2.48 -2.38 -13.34
C ASP A 323 -3.13 -1.32 -14.22
N ASP A 324 -3.99 -1.77 -15.13
CA ASP A 324 -4.81 -0.85 -15.90
C ASP A 324 -6.25 -0.88 -15.40
N VAL A 325 -7.09 -0.07 -16.03
CA VAL A 325 -8.49 0.00 -15.62
C VAL A 325 -9.15 -1.36 -15.75
N GLU A 326 -8.83 -2.12 -16.80
CA GLU A 326 -9.49 -3.41 -17.01
C GLU A 326 -9.22 -4.36 -15.83
N ILE A 327 -7.96 -4.52 -15.44
CA ILE A 327 -7.68 -5.47 -14.36
C ILE A 327 -8.19 -4.93 -13.03
N ILE A 328 -8.22 -3.60 -12.88
CA ILE A 328 -8.76 -3.03 -11.65
C ILE A 328 -10.22 -3.38 -11.49
N LYS A 329 -11.00 -3.26 -12.57
CA LYS A 329 -12.39 -3.68 -12.49
C LYS A 329 -12.49 -5.16 -12.10
N LYS A 330 -11.60 -6.00 -12.65
CA LYS A 330 -11.65 -7.42 -12.28
C LYS A 330 -11.32 -7.61 -10.81
N LYS A 331 -10.33 -6.88 -10.31
CA LYS A 331 -9.95 -7.00 -8.90
C LYS A 331 -11.08 -6.50 -7.98
N VAL A 332 -11.77 -5.43 -8.39
CA VAL A 332 -12.82 -4.93 -7.51
C VAL A 332 -14.02 -5.88 -7.53
N ASN A 333 -14.31 -6.49 -8.68
CA ASN A 333 -15.33 -7.54 -8.67
C ASN A 333 -14.92 -8.70 -7.77
N PHE A 334 -13.62 -9.00 -7.70
CA PHE A 334 -13.13 -10.02 -6.78
C PHE A 334 -13.37 -9.60 -5.33
N ILE A 335 -13.07 -8.34 -5.01
CA ILE A 335 -13.35 -7.81 -3.67
C ILE A 335 -14.82 -8.01 -3.32
N LYS A 336 -15.72 -7.64 -4.23
CA LYS A 336 -17.14 -7.75 -3.96
C LYS A 336 -17.55 -9.21 -3.82
N SER A 337 -17.03 -10.09 -4.68
CA SER A 337 -17.44 -11.49 -4.67
C SER A 337 -17.09 -12.18 -3.37
N LEU A 338 -16.00 -11.77 -2.73
CA LEU A 338 -15.59 -12.31 -1.43
C LEU A 338 -16.18 -11.53 -0.28
N ASN A 339 -16.97 -10.50 -0.55
CA ASN A 339 -17.58 -9.65 0.50
C ASN A 339 -16.52 -9.04 1.40
N LEU A 340 -15.35 -8.74 0.84
CA LEU A 340 -14.29 -8.11 1.63
C LEU A 340 -14.72 -6.72 2.11
N GLY A 341 -13.97 -6.18 3.08
CA GLY A 341 -14.30 -4.87 3.62
C GLY A 341 -14.17 -3.76 2.59
N GLY A 342 -13.31 -3.95 1.61
CA GLY A 342 -13.18 -2.95 0.55
C GLY A 342 -11.83 -3.02 -0.11
N GLY A 343 -11.41 -1.87 -0.67
CA GLY A 343 -10.16 -1.77 -1.39
C GLY A 343 -9.26 -0.72 -0.75
N MET A 344 -8.00 -0.78 -1.15
CA MET A 344 -6.99 0.16 -0.69
C MET A 344 -6.11 0.50 -1.88
N ILE A 345 -5.61 1.74 -1.95
CA ILE A 345 -4.66 2.10 -3.00
C ILE A 345 -3.37 2.66 -2.43
N TRP A 346 -2.26 2.25 -3.04
CA TRP A 346 -0.98 2.92 -2.88
C TRP A 346 -0.62 3.48 -4.25
N ALA A 347 -0.68 4.81 -4.44
CA ALA A 347 -1.10 5.84 -3.49
C ALA A 347 -1.76 6.96 -4.31
N LEU A 348 -2.42 7.91 -3.64
CA LEU A 348 -3.16 8.97 -4.32
C LEU A 348 -2.33 9.66 -5.39
N ASP A 349 -1.07 9.96 -5.07
CA ASP A 349 -0.21 10.79 -5.91
C ASP A 349 0.38 10.06 -7.10
N LEU A 350 0.09 8.78 -7.27
CA LEU A 350 0.69 8.03 -8.36
C LEU A 350 -0.29 7.73 -9.50
N ASP A 351 -1.60 7.79 -9.25
CA ASP A 351 -2.60 7.74 -10.30
C ASP A 351 -2.47 9.00 -11.16
N ASP A 352 -3.10 9.00 -12.33
CA ASP A 352 -3.02 10.17 -13.23
C ASP A 352 -4.03 11.23 -12.78
N TYR A 353 -3.74 11.83 -11.66
CA TYR A 353 -4.64 12.82 -11.12
C TYR A 353 -4.77 14.11 -11.93
N ARG A 354 -3.80 14.36 -12.78
CA ARG A 354 -3.79 15.55 -13.63
C ARG A 354 -4.38 15.33 -15.01
N ASN A 355 -4.71 14.09 -15.30
CA ASN A 355 -5.24 13.77 -16.62
C ASN A 355 -4.19 14.03 -17.70
N ARG A 356 -2.97 13.71 -17.39
CA ARG A 356 -1.89 13.83 -18.34
C ARG A 356 -2.06 12.87 -19.52
N CYS A 357 -2.78 11.78 -19.33
CA CYS A 357 -2.92 10.76 -20.35
C CYS A 357 -4.26 10.80 -21.06
N GLY A 358 -5.09 11.80 -20.76
CA GLY A 358 -6.34 11.98 -21.47
C GLY A 358 -7.40 10.92 -21.26
N GLN A 359 -7.23 10.05 -20.26
CA GLN A 359 -8.24 9.05 -19.89
C GLN A 359 -9.17 9.57 -18.81
N GLY A 360 -9.05 10.84 -18.44
CA GLY A 360 -9.78 11.43 -17.34
C GLY A 360 -8.91 11.53 -16.10
N LYS A 361 -9.30 12.43 -15.20
CA LYS A 361 -8.60 12.57 -13.94
C LYS A 361 -8.79 11.33 -13.08
N HIS A 362 -7.72 10.88 -12.45
CA HIS A 362 -7.75 9.72 -11.55
C HIS A 362 -8.39 8.52 -12.23
N PRO A 363 -7.85 8.07 -13.37
CA PRO A 363 -8.53 6.97 -14.09
C PRO A 363 -8.57 5.67 -13.31
N LEU A 364 -7.48 5.30 -12.62
CA LEU A 364 -7.47 4.07 -11.85
C LEU A 364 -8.39 4.15 -10.64
N LEU A 365 -8.29 5.23 -9.87
CA LEU A 365 -9.09 5.33 -8.66
C LEU A 365 -10.57 5.50 -8.99
N ASN A 366 -10.90 6.26 -10.03
CA ASN A 366 -12.30 6.32 -10.44
C ASN A 366 -12.81 4.96 -10.89
N ALA A 367 -11.95 4.14 -11.50
CA ALA A 367 -12.40 2.80 -11.90
C ALA A 367 -12.75 1.97 -10.67
N ILE A 368 -11.94 2.09 -9.61
CA ILE A 368 -12.24 1.38 -8.35
C ILE A 368 -13.56 1.86 -7.78
N LYS A 369 -13.75 3.18 -7.69
CA LYS A 369 -14.97 3.71 -7.09
C LYS A 369 -16.20 3.25 -7.86
N THR A 370 -16.14 3.35 -9.18
CA THR A 370 -17.30 3.01 -10.00
C THR A 370 -17.67 1.54 -9.85
N GLU A 371 -16.66 0.66 -9.83
CA GLU A 371 -16.94 -0.75 -9.69
C GLU A 371 -17.41 -1.10 -8.28
N LEU A 372 -16.87 -0.42 -7.25
CA LEU A 372 -17.35 -0.67 -5.90
C LEU A 372 -18.82 -0.30 -5.76
N LEU A 373 -19.26 0.72 -6.48
CA LEU A 373 -20.64 1.20 -6.39
C LEU A 373 -21.56 0.47 -7.36
N ASN A 374 -21.01 -0.32 -8.26
CA ASN A 374 -21.82 -1.11 -9.17
C ASN A 374 -22.38 -2.33 -8.44
N PRO A 375 -23.71 -2.48 -8.36
CA PRO A 375 -24.28 -3.60 -7.60
C PRO A 375 -23.98 -4.97 -8.20
N LYS A 376 -23.81 -5.06 -9.51
CA LYS A 376 -23.62 -6.35 -10.15
C LYS A 376 -22.22 -6.89 -9.89
N ILE A 377 -22.11 -8.21 -9.78
CA ILE A 377 -20.85 -8.87 -9.52
C ILE A 377 -20.52 -9.84 -10.66
C1 NAG B . -8.28 -18.74 -5.54
C2 NAG B . -8.21 -19.83 -6.56
C3 NAG B . -8.95 -21.04 -6.03
C4 NAG B . -8.39 -21.47 -4.70
C5 NAG B . -8.22 -20.29 -3.75
C6 NAG B . -7.52 -20.73 -2.46
C7 NAG B . -8.29 -19.26 -8.91
C8 NAG B . -9.22 -18.68 -9.89
N2 NAG B . -8.83 -19.33 -7.73
O3 NAG B . -8.75 -22.09 -6.92
O4 NAG B . -9.31 -22.36 -4.17
O5 NAG B . -7.58 -19.20 -4.44
O6 NAG B . -6.09 -20.73 -2.45
O7 NAG B . -7.18 -19.60 -9.20
C1 NAG B . -8.67 -23.58 -3.88
C2 NAG B . -9.35 -24.51 -2.90
C3 NAG B . -8.35 -25.59 -2.54
C4 NAG B . -7.59 -26.04 -3.72
C5 NAG B . -7.62 -25.15 -4.93
C6 NAG B . -7.45 -26.03 -6.12
C7 NAG B . -11.01 -23.38 -1.65
C8 NAG B . -11.32 -22.69 -0.35
N2 NAG B . -9.80 -23.87 -1.70
O3 NAG B . -8.97 -26.84 -2.27
O4 NAG B . -6.25 -26.21 -3.30
O5 NAG B . -8.77 -24.35 -5.02
O6 NAG B . -6.16 -26.60 -5.86
O7 NAG B . -11.76 -23.50 -2.60
C1 GCS C . 13.36 15.79 1.10
C2 GCS C . 12.35 15.46 2.18
C3 GCS C . 12.14 13.99 2.37
C4 GCS C . 11.99 13.12 1.13
C5 GCS C . 12.89 13.65 -0.02
C6 GCS C . 12.38 13.33 -1.39
N2 GCS C . 12.84 16.10 3.44
O1 GCS C . 13.35 17.14 0.90
O3 GCS C . 10.92 13.85 3.16
O4 GCS C . 12.36 11.77 1.51
O5 GCS C . 12.97 15.11 -0.16
O6 GCS C . 13.08 14.19 -2.26
C1 GCS C . 11.52 10.65 1.06
C2 GCS C . 12.28 9.73 0.12
C3 GCS C . 11.36 8.72 -0.47
C4 GCS C . 10.88 7.79 0.59
C5 GCS C . 10.13 8.64 1.63
C6 GCS C . 9.68 7.77 2.77
N2 GCS C . 12.96 10.44 -1.01
O3 GCS C . 12.06 7.98 -1.52
O4 GCS C . 10.02 6.81 -0.02
O5 GCS C . 10.93 9.77 2.16
O6 GCS C . 10.80 7.29 3.45
C1 GCS C . 10.57 5.48 -0.05
C2 GCS C . 9.46 4.44 -0.17
C3 GCS C . 10.02 3.06 -0.14
C4 GCS C . 11.02 2.82 -1.23
C5 GCS C . 12.06 3.93 -1.32
C6 GCS C . 12.75 3.87 -2.64
N2 GCS C . 8.46 4.65 0.93
O3 GCS C . 8.89 2.15 -0.31
O4 GCS C . 11.81 1.64 -0.97
O5 GCS C . 11.52 5.29 -1.20
O6 GCS C . 13.92 4.62 -2.54
C1 GCS C . 11.26 0.46 -1.56
C2 GCS C . 12.35 -0.59 -1.67
C3 GCS C . 11.82 -1.89 -2.16
C4 GCS C . 10.66 -2.41 -1.36
C5 GCS C . 9.58 -1.32 -1.31
C6 GCS C . 8.43 -1.71 -0.44
N2 GCS C . 13.41 -0.08 -2.60
O3 GCS C . 12.94 -2.83 -2.17
O4 GCS C . 10.03 -3.55 -1.97
O5 GCS C . 10.12 -0.07 -0.76
O6 GCS C . 7.63 -0.57 -0.24
C1 GCS C . 10.49 -4.75 -1.36
C2 GCS C . 9.54 -5.91 -1.55
C3 GCS C . 10.10 -7.15 -0.93
C4 GCS C . 11.47 -7.51 -1.41
C5 GCS C . 12.41 -6.30 -1.31
C6 GCS C . 13.71 -6.58 -1.99
N2 GCS C . 8.25 -5.59 -0.85
O3 GCS C . 9.19 -8.27 -1.16
O4 GCS C . 12.06 -8.46 -0.51
O5 GCS C . 11.83 -5.09 -1.93
O6 GCS C . 14.45 -5.38 -1.99
C1 GCS C . 12.35 -9.72 -1.12
C2 GCS C . 13.29 -10.54 -0.24
C3 GCS C . 13.58 -11.87 -0.85
C4 GCS C . 12.34 -12.62 -1.25
C5 GCS C . 11.38 -11.75 -2.06
C6 GCS C . 10.06 -12.41 -2.23
N2 GCS C . 14.58 -9.80 -0.01
O3 GCS C . 14.32 -12.67 0.10
O4 GCS C . 12.69 -13.71 -2.09
O5 GCS C . 11.11 -10.49 -1.37
O6 GCS C . 9.18 -11.48 -2.80
C1 GCS C . 12.43 -14.93 -1.36
C2 GCS C . 12.11 -16.05 -2.36
C3 GCS C . 12.64 -17.42 -2.09
C4 GCS C . 13.55 -17.61 -0.89
C5 GCS C . 13.33 -16.53 0.17
C6 GCS C . 14.25 -16.71 1.34
N2 GCS C . 10.62 -16.16 -2.42
O3 GCS C . 13.34 -17.89 -3.28
O4 GCS C . 13.27 -18.88 -0.30
O5 GCS C . 13.58 -15.23 -0.46
O6 GCS C . 15.53 -16.26 0.99
C1 GCS C . 14.34 -19.81 -0.55
C2 GCS C . 14.10 -21.05 0.30
C3 GCS C . 15.08 -22.13 0.04
C4 GCS C . 15.13 -22.50 -1.42
C5 GCS C . 15.33 -21.29 -2.34
C6 GCS C . 14.99 -21.69 -3.74
N2 GCS C . 14.20 -20.66 1.75
O3 GCS C . 14.69 -23.31 0.81
O4 GCS C . 16.22 -23.41 -1.63
O5 GCS C . 14.46 -20.15 -2.02
O6 GCS C . 13.91 -20.89 -4.19
#